data_6LSF
#
_entry.id   6LSF
#
_cell.length_a   61.350
_cell.length_b   76.447
_cell.length_c   155.004
_cell.angle_alpha   90.000
_cell.angle_beta   90.000
_cell.angle_gamma   90.000
#
_symmetry.space_group_name_H-M   'P 21 21 21'
#
loop_
_entity.id
_entity.type
_entity.pdbx_description
1 polymer 'Genome polyprotein'
2 polymer 'RNA (35-MER)'
3 polymer "RNA (5'-R(*UP*GP*UP*UP*CP*GP*AP*CP*GP*AP*GP*AP*GP*AP*GP*AP*CP*C)-3')"
4 non-polymer 'SULFATE ION'
5 non-polymer 'ZINC ION'
6 water water
#
loop_
_entity_poly.entity_id
_entity_poly.type
_entity_poly.pdbx_seq_one_letter_code
_entity_poly.pdbx_strand_id
1 'polypeptide(L)'
;GEIQWVKPNKETGRLNINGPTRTKLEPSVFHDVFEGNKEPAVLHSKDPRLEVDFEQALFSKYVGNTLYEPDEYIKEAALH
YANQLKQLDIDTSQMSMEEACYGTENLEAIDLHTSAGYPYSALGIKKRDILDSTTRDVSKMKFYMDKYGLDLPYSTYVKD
ELRSIDKIKKGKSRLIEASSLNDSVYLRMTFGHLYETFHANPGTVTGSAVGCNPDTFWSKLPILLPGSLFAFDYSGYDAS
LSPVWFRALELVLREIGYSEEAVSLVEGINHTHHVYRNKTYCVLGGMPSGMSGTSIFNSMINNIIIRALLIKTFKGIDLD
ELNMVAYGDDVLASYPFPIDCLELARTGKEYGLTMTPADKSPCFNEVNWDNATFLKRGFLPDEQFPFLIHPTMPMKEIHE
SIRWTKDARNTQDHVRSLCLLAWHNGKQEYEKFVSAIRSVPVGKALAIPNYENLRRNWLELFHHHHHH
;
A
2 'polyribonucleotide' GGGAGAUGAAAGUCUCCAGGUCUCUCUCGUCGAAA B
3 'polyribonucleotide' UGUUCGACGAGAGAGACC C
#
loop_
_chem_comp.id
_chem_comp.type
_chem_comp.name
_chem_comp.formula
A RNA linking ADENOSINE-5'-MONOPHOSPHATE 'C10 H14 N5 O7 P'
C RNA linking CYTIDINE-5'-MONOPHOSPHATE 'C9 H14 N3 O8 P'
G RNA linking GUANOSINE-5'-MONOPHOSPHATE 'C10 H14 N5 O8 P'
SO4 non-polymer 'SULFATE ION' 'O4 S -2'
U RNA linking URIDINE-5'-MONOPHOSPHATE 'C9 H13 N2 O9 P'
ZN non-polymer 'ZINC ION' 'Zn 2'
#
# COMPACT_ATOMS: atom_id res chain seq x y z
N GLY A 1 -11.26 -12.11 -1.96
CA GLY A 1 -10.73 -13.20 -1.15
C GLY A 1 -11.74 -13.80 -0.18
N GLU A 2 -11.50 -15.06 0.18
CA GLU A 2 -12.47 -15.81 0.97
C GLU A 2 -11.72 -16.83 1.81
N ILE A 3 -12.06 -16.88 3.09
CA ILE A 3 -11.49 -17.92 3.95
C ILE A 3 -12.14 -19.24 3.57
N GLN A 4 -11.31 -20.22 3.23
CA GLN A 4 -11.81 -21.54 2.82
C GLN A 4 -11.97 -22.47 4.02
N TRP A 5 -11.09 -22.40 5.01
CA TRP A 5 -11.27 -23.22 6.21
C TRP A 5 -10.42 -22.67 7.35
N VAL A 6 -10.82 -23.05 8.56
CA VAL A 6 -10.14 -22.73 9.81
C VAL A 6 -9.93 -24.03 10.57
N LYS A 7 -8.69 -24.28 11.01
CA LYS A 7 -8.31 -25.47 11.75
C LYS A 7 -7.44 -25.09 12.94
N PRO A 8 -7.53 -25.84 14.04
CA PRO A 8 -6.61 -25.62 15.16
C PRO A 8 -5.20 -26.01 14.80
N ASN A 9 -4.23 -25.31 15.41
CA ASN A 9 -2.82 -25.55 15.11
C ASN A 9 -2.40 -26.97 15.45
N LYS A 10 -3.03 -27.58 16.47
CA LYS A 10 -2.76 -28.99 16.76
C LYS A 10 -3.05 -29.86 15.54
N GLU A 11 -4.13 -29.56 14.83
CA GLU A 11 -4.51 -30.33 13.65
C GLU A 11 -3.53 -30.13 12.50
N THR A 12 -3.04 -28.90 12.30
CA THR A 12 -2.19 -28.60 11.15
C THR A 12 -0.71 -28.84 11.41
N GLY A 13 -0.30 -28.97 12.67
CA GLY A 13 1.13 -29.07 12.94
C GLY A 13 1.87 -27.76 12.80
N ARG A 14 1.17 -26.63 12.90
CA ARG A 14 1.77 -25.31 12.85
C ARG A 14 1.92 -24.77 14.27
N LEU A 15 3.02 -24.03 14.50
CA LEU A 15 3.25 -23.44 15.81
C LEU A 15 2.60 -22.07 15.93
N ASN A 16 2.28 -21.68 17.18
CA ASN A 16 1.43 -20.53 17.44
C ASN A 16 2.14 -19.20 17.20
N ILE A 17 1.35 -18.18 16.89
CA ILE A 17 1.84 -16.86 16.51
C ILE A 17 0.99 -15.86 17.29
N ASN A 18 1.51 -15.38 18.42
CA ASN A 18 0.80 -14.43 19.27
C ASN A 18 1.55 -13.09 19.21
N GLY A 19 0.97 -12.11 18.49
CA GLY A 19 1.54 -10.77 18.41
C GLY A 19 1.27 -9.99 19.67
N PRO A 20 1.89 -8.79 19.76
CA PRO A 20 1.67 -7.93 20.93
C PRO A 20 0.22 -7.50 21.08
N THR A 21 -0.14 -7.14 22.33
CA THR A 21 -1.50 -6.98 22.81
C THR A 21 -1.89 -5.57 23.16
N ARG A 22 -0.93 -4.70 23.46
CA ARG A 22 -1.20 -3.35 23.96
C ARG A 22 -0.58 -2.32 23.05
N THR A 23 -1.29 -1.22 22.82
CA THR A 23 -0.84 -0.24 21.86
C THR A 23 0.44 0.45 22.35
N LYS A 24 1.36 0.73 21.43
CA LYS A 24 2.51 1.55 21.78
C LYS A 24 2.24 3.04 21.66
N LEU A 25 1.04 3.43 21.23
CA LEU A 25 0.68 4.85 21.10
C LEU A 25 0.21 5.44 22.42
N GLU A 26 0.57 6.70 22.67
CA GLU A 26 0.12 7.46 23.83
C GLU A 26 -0.17 8.89 23.41
N PRO A 27 -1.05 9.59 24.13
CA PRO A 27 -1.24 11.02 23.84
C PRO A 27 0.07 11.78 23.97
N SER A 28 0.34 12.61 22.97
CA SER A 28 1.52 13.44 22.95
C SER A 28 1.24 14.73 23.72
N VAL A 29 2.30 15.54 23.90
CA VAL A 29 2.16 16.87 24.50
C VAL A 29 1.25 17.79 23.70
N PHE A 30 0.94 17.43 22.45
CA PHE A 30 0.08 18.27 21.63
C PHE A 30 -1.35 17.75 21.59
N HIS A 31 -1.65 16.67 22.31
CA HIS A 31 -2.94 16.00 22.25
C HIS A 31 -4.10 16.95 22.48
N ASP A 32 -3.94 17.90 23.40
CA ASP A 32 -5.02 18.82 23.74
C ASP A 32 -4.86 20.18 23.06
N VAL A 33 -3.79 20.36 22.28
CA VAL A 33 -3.62 21.57 21.50
C VAL A 33 -4.33 21.51 20.15
N PHE A 34 -4.57 20.31 19.63
CA PHE A 34 -5.27 20.16 18.35
C PHE A 34 -6.45 19.22 18.52
N GLU A 35 -7.48 19.45 17.72
CA GLU A 35 -8.64 18.57 17.73
C GLU A 35 -8.38 17.35 16.84
N GLY A 36 -9.05 16.26 17.18
CA GLY A 36 -8.87 14.99 16.51
C GLY A 36 -9.80 13.95 17.07
N ASN A 37 -10.00 12.87 16.30
CA ASN A 37 -10.95 11.83 16.67
C ASN A 37 -10.33 10.45 16.73
N LYS A 38 -9.18 10.24 16.14
CA LYS A 38 -8.64 8.89 16.05
C LYS A 38 -8.05 8.46 17.38
N GLU A 39 -8.03 7.16 17.60
CA GLU A 39 -7.38 6.59 18.78
C GLU A 39 -6.70 5.29 18.33
N PRO A 40 -5.88 4.69 19.17
CA PRO A 40 -5.27 3.40 18.79
C PRO A 40 -6.34 2.38 18.47
N ALA A 41 -6.10 1.62 17.39
CA ALA A 41 -7.03 0.56 17.02
C ALA A 41 -7.10 -0.51 18.10
N VAL A 42 -8.25 -1.18 18.18
CA VAL A 42 -8.44 -2.32 19.07
C VAL A 42 -7.47 -3.41 18.70
N LEU A 43 -6.74 -3.93 19.69
CA LEU A 43 -5.77 -4.99 19.48
C LEU A 43 -6.13 -6.29 20.18
N HIS A 44 -7.23 -6.32 20.94
CA HIS A 44 -7.52 -7.40 21.88
C HIS A 44 -9.02 -7.61 21.99
N SER A 45 -9.42 -8.89 22.03
CA SER A 45 -10.81 -9.34 22.18
C SER A 45 -11.60 -8.55 23.23
N LYS A 46 -10.95 -8.09 24.28
CA LYS A 46 -11.64 -7.55 25.45
C LYS A 46 -11.40 -6.06 25.66
N ASP A 47 -10.89 -5.36 24.66
CA ASP A 47 -10.89 -3.91 24.68
C ASP A 47 -12.30 -3.40 25.00
N PRO A 48 -12.46 -2.54 26.01
CA PRO A 48 -13.81 -2.10 26.41
C PRO A 48 -14.49 -1.19 25.39
N ARG A 49 -13.75 -0.64 24.44
CA ARG A 49 -14.35 0.21 23.42
C ARG A 49 -15.08 -0.57 22.34
N LEU A 50 -14.83 -1.88 22.27
CA LEU A 50 -15.47 -2.73 21.26
C LEU A 50 -16.98 -2.69 21.41
N GLU A 51 -17.67 -2.94 20.31
CA GLU A 51 -19.13 -3.06 20.36
C GLU A 51 -19.67 -4.19 19.48
N VAL A 52 -18.81 -4.91 18.76
CA VAL A 52 -19.15 -6.17 18.15
C VAL A 52 -18.13 -7.20 18.61
N ASP A 53 -18.29 -8.43 18.14
CA ASP A 53 -17.24 -9.42 18.36
C ASP A 53 -16.00 -9.03 17.58
N PHE A 54 -14.84 -9.13 18.23
CA PHE A 54 -13.63 -8.56 17.66
C PHE A 54 -13.14 -9.37 16.48
N GLU A 55 -13.11 -10.70 16.61
CA GLU A 55 -12.54 -11.50 15.54
C GLU A 55 -13.47 -11.60 14.35
N GLN A 56 -14.80 -11.59 14.57
CA GLN A 56 -15.71 -11.48 13.43
C GLN A 56 -15.40 -10.22 12.64
N ALA A 57 -15.24 -9.10 13.33
CA ALA A 57 -14.90 -7.84 12.67
C ALA A 57 -13.58 -7.94 11.92
N LEU A 58 -12.57 -8.54 12.54
CA LEU A 58 -11.24 -8.60 11.93
C LEU A 58 -11.31 -9.22 10.54
N PHE A 59 -11.85 -10.43 10.44
CA PHE A 59 -11.83 -11.18 9.21
C PHE A 59 -13.02 -10.88 8.30
N SER A 60 -13.88 -9.93 8.67
CA SER A 60 -14.97 -9.52 7.79
C SER A 60 -14.49 -8.88 6.49
N LYS A 61 -13.19 -8.59 6.36
CA LYS A 61 -12.70 -7.97 5.13
C LYS A 61 -12.77 -8.94 3.95
N TYR A 62 -12.71 -10.25 4.22
CA TYR A 62 -12.81 -11.27 3.18
C TYR A 62 -14.27 -11.43 2.82
N VAL A 63 -14.73 -10.59 1.87
CA VAL A 63 -16.12 -10.54 1.48
C VAL A 63 -16.50 -11.63 0.51
N GLY A 64 -15.54 -12.41 0.04
CA GLY A 64 -15.79 -13.51 -0.87
C GLY A 64 -15.17 -13.28 -2.24
N ASN A 65 -15.45 -14.23 -3.13
CA ASN A 65 -14.90 -14.27 -4.46
C ASN A 65 -16.05 -14.31 -5.47
N THR A 66 -15.81 -13.76 -6.67
CA THR A 66 -16.77 -13.93 -7.74
C THR A 66 -16.04 -14.66 -8.87
N LEU A 67 -15.55 -13.95 -9.88
CA LEU A 67 -14.95 -14.63 -11.01
C LEU A 67 -13.66 -15.34 -10.60
N TYR A 68 -13.48 -16.55 -11.12
CA TYR A 68 -12.24 -17.28 -10.92
C TYR A 68 -11.35 -17.32 -12.16
N GLU A 69 -11.89 -17.07 -13.34
CA GLU A 69 -11.09 -17.13 -14.57
C GLU A 69 -11.42 -15.98 -15.45
N PRO A 70 -10.48 -15.45 -16.23
CA PRO A 70 -10.68 -14.23 -16.98
C PRO A 70 -11.71 -14.37 -18.10
N ASP A 71 -12.57 -13.36 -18.21
CA ASP A 71 -13.45 -13.19 -19.34
C ASP A 71 -12.70 -12.46 -20.46
N GLU A 72 -13.37 -12.24 -21.60
CA GLU A 72 -12.71 -11.56 -22.70
C GLU A 72 -12.23 -10.16 -22.31
N TYR A 73 -13.00 -9.45 -21.48
CA TYR A 73 -12.61 -8.09 -21.14
C TYR A 73 -11.32 -8.06 -20.32
N ILE A 74 -11.17 -8.99 -19.37
CA ILE A 74 -9.99 -9.00 -18.52
C ILE A 74 -8.76 -9.45 -19.29
N LYS A 75 -8.94 -10.37 -20.25
CA LYS A 75 -7.81 -10.82 -21.08
C LYS A 75 -7.31 -9.70 -22.00
N GLU A 76 -8.22 -8.95 -22.62
CA GLU A 76 -7.78 -7.80 -23.42
C GLU A 76 -7.11 -6.76 -22.54
N ALA A 77 -7.59 -6.58 -21.30
CA ALA A 77 -6.96 -5.65 -20.37
C ALA A 77 -5.55 -6.07 -20.00
N ALA A 78 -5.38 -7.35 -19.62
CA ALA A 78 -4.06 -7.80 -19.24
C ALA A 78 -3.08 -7.64 -20.40
N LEU A 79 -3.49 -8.06 -21.60
CA LEU A 79 -2.61 -7.95 -22.77
C LEU A 79 -2.28 -6.50 -23.09
N HIS A 80 -3.26 -5.60 -22.99
CA HIS A 80 -2.96 -4.19 -23.27
C HIS A 80 -1.94 -3.63 -22.27
N TYR A 81 -2.09 -3.96 -20.98
CA TYR A 81 -1.11 -3.50 -20.01
C TYR A 81 0.25 -4.14 -20.26
N ALA A 82 0.26 -5.42 -20.65
CA ALA A 82 1.51 -6.12 -20.88
C ALA A 82 2.33 -5.47 -21.99
N ASN A 83 1.69 -5.24 -23.15
CA ASN A 83 2.40 -4.63 -24.27
C ASN A 83 2.98 -3.27 -23.89
N GLN A 84 2.24 -2.50 -23.08
CA GLN A 84 2.73 -1.22 -22.59
C GLN A 84 4.00 -1.39 -21.78
N LEU A 85 4.03 -2.41 -20.90
CA LEU A 85 5.22 -2.66 -20.09
C LEU A 85 6.43 -3.04 -20.93
N LYS A 86 6.21 -3.58 -22.15
CA LYS A 86 7.31 -4.09 -22.97
C LYS A 86 8.34 -3.02 -23.26
N GLN A 87 7.90 -1.78 -23.44
CA GLN A 87 8.83 -0.68 -23.71
C GLN A 87 9.83 -0.44 -22.57
N LEU A 88 9.54 -0.93 -21.36
CA LEU A 88 10.50 -0.81 -20.26
C LEU A 88 11.60 -1.85 -20.31
N ASP A 89 11.40 -2.92 -21.09
CA ASP A 89 12.34 -4.04 -21.20
C ASP A 89 12.82 -4.49 -19.82
N ILE A 90 11.86 -5.08 -19.10
CA ILE A 90 12.14 -5.62 -17.77
C ILE A 90 13.01 -6.85 -17.91
N ASP A 91 14.07 -6.92 -17.12
CA ASP A 91 14.92 -8.11 -17.08
C ASP A 91 14.17 -9.23 -16.36
N THR A 92 13.62 -10.19 -17.12
CA THR A 92 12.90 -11.30 -16.51
C THR A 92 13.82 -12.41 -16.01
N SER A 93 15.14 -12.24 -16.13
CA SER A 93 16.12 -13.16 -15.59
C SER A 93 15.97 -13.24 -14.07
N GLN A 94 16.49 -14.31 -13.48
CA GLN A 94 16.49 -14.43 -12.04
C GLN A 94 17.59 -13.57 -11.43
N MET A 95 17.26 -12.90 -10.34
CA MET A 95 18.23 -12.13 -9.59
C MET A 95 19.09 -13.05 -8.73
N SER A 96 20.32 -12.65 -8.50
CA SER A 96 21.20 -13.41 -7.61
C SER A 96 20.68 -13.36 -6.19
N MET A 97 20.79 -14.49 -5.49
CA MET A 97 20.36 -14.51 -4.10
C MET A 97 21.08 -13.45 -3.28
N GLU A 98 22.34 -13.14 -3.62
CA GLU A 98 23.09 -12.12 -2.89
C GLU A 98 22.45 -10.74 -3.05
N GLU A 99 22.07 -10.40 -4.28
CA GLU A 99 21.45 -9.10 -4.53
C GLU A 99 20.03 -9.06 -3.98
N ALA A 100 19.30 -10.18 -4.07
CA ALA A 100 17.94 -10.26 -3.53
C ALA A 100 17.89 -10.05 -2.02
N CYS A 101 18.91 -10.52 -1.28
CA CYS A 101 18.93 -10.33 0.17
C CYS A 101 19.47 -8.96 0.57
N TYR A 102 20.54 -8.51 -0.08
CA TYR A 102 21.31 -7.36 0.39
C TYR A 102 21.11 -6.11 -0.44
N GLY A 103 20.46 -6.20 -1.60
CA GLY A 103 19.97 -5.04 -2.32
C GLY A 103 20.85 -4.63 -3.50
N THR A 104 20.24 -3.85 -4.40
CA THR A 104 20.95 -3.12 -5.45
C THR A 104 20.67 -1.62 -5.31
N GLU A 105 21.01 -0.85 -6.34
CA GLU A 105 20.77 0.59 -6.25
C GLU A 105 19.27 0.90 -6.30
N ASN A 106 18.49 0.09 -7.03
CA ASN A 106 17.06 0.32 -7.15
C ASN A 106 16.23 -0.71 -6.40
N LEU A 107 16.88 -1.51 -5.54
CA LEU A 107 16.18 -2.46 -4.69
C LEU A 107 16.78 -2.37 -3.30
N GLU A 108 15.95 -2.00 -2.32
CA GLU A 108 16.45 -1.92 -0.96
C GLU A 108 16.67 -3.32 -0.38
N ALA A 109 17.63 -3.40 0.55
CA ALA A 109 17.94 -4.68 1.19
C ALA A 109 16.79 -5.16 2.06
N ILE A 110 16.76 -6.48 2.28
CA ILE A 110 15.78 -7.04 3.22
C ILE A 110 15.95 -6.38 4.57
N ASP A 111 14.83 -5.97 5.16
CA ASP A 111 14.87 -5.26 6.43
C ASP A 111 15.31 -6.24 7.52
N LEU A 112 16.55 -6.07 8.01
CA LEU A 112 17.06 -6.97 9.03
C LEU A 112 16.63 -6.58 10.44
N HIS A 113 15.89 -5.49 10.59
CA HIS A 113 15.43 -5.03 11.89
C HIS A 113 14.04 -5.52 12.22
N THR A 114 13.62 -6.62 11.60
CA THR A 114 12.22 -6.99 11.62
C THR A 114 12.10 -8.51 11.50
N SER A 115 10.95 -9.04 11.87
CA SER A 115 10.80 -10.47 12.08
C SER A 115 11.07 -11.28 10.81
N ALA A 116 11.57 -12.49 11.02
CA ALA A 116 11.84 -13.44 9.93
C ALA A 116 10.64 -14.32 9.61
N GLY A 117 9.55 -14.20 10.35
CA GLY A 117 8.34 -14.95 10.07
C GLY A 117 8.45 -16.43 10.39
N TYR A 118 7.44 -17.16 9.95
CA TYR A 118 7.37 -18.59 10.21
C TYR A 118 8.48 -19.32 9.47
N PRO A 119 9.17 -20.27 10.13
CA PRO A 119 8.98 -20.65 11.54
C PRO A 119 9.98 -19.98 12.48
N TYR A 120 10.88 -19.18 11.90
CA TYR A 120 11.99 -18.60 12.66
C TYR A 120 11.48 -17.79 13.86
N SER A 121 10.37 -17.08 13.69
CA SER A 121 9.81 -16.30 14.79
C SER A 121 9.55 -17.18 16.02
N ALA A 122 8.95 -18.35 15.80
CA ALA A 122 8.59 -19.23 16.93
C ALA A 122 9.80 -19.93 17.53
N LEU A 123 10.88 -20.10 16.77
CA LEU A 123 12.08 -20.76 17.25
C LEU A 123 13.15 -19.76 17.69
N GLY A 124 12.82 -18.48 17.77
CA GLY A 124 13.76 -17.48 18.25
C GLY A 124 14.94 -17.21 17.35
N ILE A 125 14.82 -17.50 16.04
CA ILE A 125 15.86 -17.15 15.07
C ILE A 125 15.47 -15.85 14.37
N LYS A 126 16.32 -14.84 14.53
CA LYS A 126 16.13 -13.54 13.92
C LYS A 126 16.87 -13.47 12.58
N LYS A 127 16.44 -12.55 11.72
CA LYS A 127 17.08 -12.40 10.41
C LYS A 127 18.58 -12.18 10.53
N ARG A 128 18.98 -11.40 11.54
CA ARG A 128 20.39 -11.08 11.76
C ARG A 128 21.24 -12.31 12.06
N ASP A 129 20.62 -13.43 12.43
CA ASP A 129 21.31 -14.70 12.64
C ASP A 129 21.62 -15.42 11.35
N ILE A 130 21.01 -15.03 10.23
CA ILE A 130 21.18 -15.70 8.94
C ILE A 130 21.89 -14.80 7.94
N LEU A 131 21.54 -13.52 7.90
CA LEU A 131 22.12 -12.59 6.96
C LEU A 131 22.95 -11.56 7.70
N ASP A 132 23.85 -10.93 6.95
CA ASP A 132 24.81 -9.96 7.50
C ASP A 132 25.17 -9.01 6.38
N SER A 133 24.91 -7.71 6.57
CA SER A 133 25.15 -6.73 5.51
C SER A 133 26.63 -6.66 5.15
N THR A 134 27.52 -6.95 6.10
CA THR A 134 28.96 -6.79 5.87
C THR A 134 29.53 -7.95 5.06
N THR A 135 29.29 -9.19 5.47
CA THR A 135 29.85 -10.32 4.73
C THR A 135 29.11 -10.55 3.42
N ARG A 136 27.83 -10.20 3.36
CA ARG A 136 26.99 -10.43 2.19
C ARG A 136 26.90 -11.92 1.84
N ASP A 137 27.05 -12.77 2.86
CA ASP A 137 27.02 -14.21 2.63
C ASP A 137 25.58 -14.69 2.50
N VAL A 138 25.34 -15.51 1.47
CA VAL A 138 24.04 -16.15 1.31
C VAL A 138 24.06 -17.60 1.73
N SER A 139 25.16 -18.07 2.30
CA SER A 139 25.30 -19.49 2.57
C SER A 139 24.30 -19.95 3.64
N LYS A 140 24.27 -19.23 4.76
CA LYS A 140 23.32 -19.57 5.82
C LYS A 140 21.88 -19.51 5.30
N MET A 141 21.57 -18.48 4.50
CA MET A 141 20.24 -18.34 3.92
C MET A 141 19.87 -19.54 3.05
N LYS A 142 20.79 -19.95 2.16
CA LYS A 142 20.50 -21.09 1.29
C LYS A 142 20.21 -22.33 2.09
N PHE A 143 20.96 -22.53 3.17
CA PHE A 143 20.73 -23.68 4.04
C PHE A 143 19.30 -23.69 4.60
N TYR A 144 18.79 -22.51 5.01
CA TYR A 144 17.50 -22.46 5.67
C TYR A 144 16.33 -22.55 4.69
N MET A 145 16.51 -22.11 3.46
CA MET A 145 15.45 -22.33 2.47
C MET A 145 15.36 -23.79 2.09
N ASP A 146 16.50 -24.51 2.08
CA ASP A 146 16.48 -25.96 1.94
C ASP A 146 15.99 -26.65 3.21
N LYS A 147 16.30 -26.09 4.38
CA LYS A 147 15.81 -26.66 5.63
C LYS A 147 14.30 -26.52 5.77
N TYR A 148 13.72 -25.41 5.29
CA TYR A 148 12.32 -25.11 5.52
C TYR A 148 11.48 -24.94 4.28
N GLY A 149 12.08 -24.78 3.10
CA GLY A 149 11.30 -24.71 1.88
C GLY A 149 10.67 -23.34 1.65
N LEU A 150 9.69 -23.35 0.75
CA LEU A 150 8.92 -22.18 0.37
C LEU A 150 7.46 -22.38 0.74
N ASP A 151 6.63 -21.42 0.35
CA ASP A 151 5.18 -21.48 0.57
C ASP A 151 4.85 -21.69 2.04
N LEU A 152 5.67 -21.14 2.94
CA LEU A 152 5.42 -21.19 4.37
C LEU A 152 4.29 -20.24 4.76
N PRO A 153 3.59 -20.50 5.85
CA PRO A 153 2.41 -19.69 6.18
C PRO A 153 2.78 -18.26 6.53
N TYR A 154 1.83 -17.37 6.28
CA TYR A 154 1.90 -15.99 6.74
C TYR A 154 1.50 -15.91 8.22
N SER A 155 2.24 -15.14 9.00
CA SER A 155 1.89 -14.91 10.40
C SER A 155 1.02 -13.66 10.51
N THR A 156 -0.11 -13.77 11.18
CA THR A 156 -1.08 -12.68 11.29
C THR A 156 -0.86 -11.87 12.56
N TYR A 157 -0.81 -10.54 12.43
CA TYR A 157 -0.80 -9.64 13.58
C TYR A 157 -1.84 -8.55 13.38
N VAL A 158 -2.36 -8.01 14.47
CA VAL A 158 -3.21 -6.82 14.35
C VAL A 158 -2.34 -5.57 14.26
N LYS A 159 -2.63 -4.68 13.31
CA LYS A 159 -1.77 -3.51 13.10
C LYS A 159 -2.02 -2.44 14.14
N ASP A 160 -0.95 -1.97 14.78
CA ASP A 160 -1.04 -0.95 15.83
C ASP A 160 -0.92 0.44 15.18
N GLU A 161 -2.04 1.17 15.14
CA GLU A 161 -2.09 2.43 14.42
C GLU A 161 -3.34 3.19 14.85
N LEU A 162 -3.38 4.47 14.52
CA LEU A 162 -4.58 5.26 14.76
C LEU A 162 -5.69 4.87 13.78
N ARG A 163 -6.93 4.82 14.28
CA ARG A 163 -8.13 4.55 13.49
C ARG A 163 -9.24 5.46 13.96
N SER A 164 -10.22 5.69 13.09
CA SER A 164 -11.36 6.52 13.45
C SER A 164 -12.19 5.87 14.57
N ILE A 165 -12.95 6.69 15.28
CA ILE A 165 -13.77 6.18 16.38
C ILE A 165 -14.69 5.07 15.88
N ASP A 166 -15.29 5.26 14.70
CA ASP A 166 -16.24 4.27 14.23
C ASP A 166 -15.58 2.93 13.94
N LYS A 167 -14.31 2.91 13.54
CA LYS A 167 -13.64 1.64 13.27
C LYS A 167 -13.11 1.00 14.54
N ILE A 168 -12.98 1.75 15.64
CA ILE A 168 -12.61 1.13 16.90
C ILE A 168 -13.79 0.41 17.51
N LYS A 169 -14.98 1.03 17.45
CA LYS A 169 -16.17 0.40 18.01
C LYS A 169 -16.54 -0.86 17.27
N LYS A 170 -16.47 -0.82 15.94
CA LYS A 170 -16.82 -1.99 15.15
C LYS A 170 -15.65 -2.93 14.95
N GLY A 171 -14.63 -2.88 15.81
CA GLY A 171 -13.51 -3.79 15.77
C GLY A 171 -12.81 -3.91 14.44
N LYS A 172 -12.95 -2.90 13.57
CA LYS A 172 -12.36 -2.98 12.24
C LYS A 172 -10.89 -2.55 12.29
N SER A 173 -10.11 -3.35 12.97
CA SER A 173 -8.66 -3.15 13.01
C SER A 173 -8.03 -3.82 11.80
N ARG A 174 -6.84 -3.36 11.44
CA ARG A 174 -6.23 -3.94 10.26
C ARG A 174 -5.27 -5.03 10.67
N LEU A 175 -4.96 -5.90 9.71
CA LEU A 175 -4.19 -7.09 9.97
C LEU A 175 -2.92 -7.06 9.14
N ILE A 176 -1.89 -7.69 9.67
CA ILE A 176 -0.62 -7.81 8.99
C ILE A 176 -0.39 -9.28 8.71
N GLU A 177 -0.37 -9.64 7.44
CA GLU A 177 -0.08 -11.01 7.04
C GLU A 177 1.41 -11.04 6.71
N ALA A 178 2.21 -11.40 7.70
CA ALA A 178 3.66 -11.31 7.64
C ALA A 178 4.25 -12.51 6.92
N SER A 179 5.10 -12.24 5.94
CA SER A 179 5.65 -13.32 5.13
C SER A 179 6.83 -13.97 5.83
N SER A 180 7.12 -15.20 5.43
CA SER A 180 8.31 -15.89 5.89
C SER A 180 9.51 -15.46 5.06
N LEU A 181 10.63 -15.27 5.75
CA LEU A 181 11.85 -14.79 5.10
C LEU A 181 12.19 -15.59 3.86
N ASN A 182 11.96 -16.89 3.87
CA ASN A 182 12.28 -17.71 2.70
C ASN A 182 11.49 -17.23 1.49
N ASP A 183 10.22 -16.88 1.69
CA ASP A 183 9.39 -16.50 0.55
C ASP A 183 9.74 -15.10 0.06
N SER A 184 10.06 -14.17 0.96
CA SER A 184 10.53 -12.86 0.49
C SER A 184 11.81 -13.00 -0.33
N VAL A 185 12.73 -13.87 0.08
CA VAL A 185 13.94 -14.09 -0.72
C VAL A 185 13.57 -14.62 -2.10
N TYR A 186 12.79 -15.70 -2.16
CA TYR A 186 12.50 -16.31 -3.45
C TYR A 186 11.65 -15.41 -4.34
N LEU A 187 10.73 -14.65 -3.74
CA LEU A 187 10.01 -13.65 -4.51
C LEU A 187 10.96 -12.57 -5.03
N ARG A 188 11.90 -12.13 -4.21
CA ARG A 188 12.86 -11.11 -4.65
C ARG A 188 13.79 -11.64 -5.73
N MET A 189 14.22 -12.90 -5.63
CA MET A 189 15.03 -13.46 -6.70
C MET A 189 14.25 -13.51 -8.01
N THR A 190 12.97 -13.85 -7.95
CA THR A 190 12.19 -14.04 -9.16
C THR A 190 11.83 -12.72 -9.82
N PHE A 191 11.41 -11.73 -9.02
CA PHE A 191 10.88 -10.47 -9.52
C PHE A 191 11.73 -9.26 -9.13
N GLY A 192 12.98 -9.48 -8.72
CA GLY A 192 13.80 -8.37 -8.27
C GLY A 192 14.04 -7.33 -9.35
N HIS A 193 14.33 -7.76 -10.57
CA HIS A 193 14.58 -6.79 -11.64
C HIS A 193 13.32 -6.03 -12.02
N LEU A 194 12.14 -6.65 -11.87
CA LEU A 194 10.91 -5.91 -12.14
C LEU A 194 10.67 -4.85 -11.07
N TYR A 195 10.93 -5.19 -9.80
CA TYR A 195 10.87 -4.20 -8.74
C TYR A 195 11.81 -3.02 -9.03
N GLU A 196 13.01 -3.31 -9.52
CA GLU A 196 13.98 -2.26 -9.85
C GLU A 196 13.39 -1.32 -10.91
N THR A 197 12.95 -1.89 -12.03
CA THR A 197 12.33 -1.09 -13.09
C THR A 197 11.19 -0.24 -12.55
N PHE A 198 10.29 -0.85 -11.77
CA PHE A 198 9.15 -0.09 -11.23
C PHE A 198 9.62 1.02 -10.30
N HIS A 199 10.57 0.74 -9.41
CA HIS A 199 10.99 1.80 -8.50
C HIS A 199 11.62 2.96 -9.24
N ALA A 200 12.32 2.70 -10.34
CA ALA A 200 13.01 3.75 -11.08
C ALA A 200 12.09 4.51 -12.02
N ASN A 201 10.88 4.00 -12.30
CA ASN A 201 9.98 4.61 -13.28
C ASN A 201 8.56 4.80 -12.75
N PRO A 202 8.39 5.59 -11.70
CA PRO A 202 7.02 6.00 -11.34
C PRO A 202 6.45 6.85 -12.45
N GLY A 203 5.19 6.61 -12.81
CA GLY A 203 4.63 7.30 -13.96
C GLY A 203 3.61 6.43 -14.68
N THR A 204 3.29 6.84 -15.91
CA THR A 204 2.19 6.25 -16.69
C THR A 204 2.64 5.17 -17.65
N VAL A 205 3.91 4.75 -17.65
CA VAL A 205 4.28 3.55 -18.39
C VAL A 205 4.17 2.31 -17.50
N THR A 206 4.80 2.36 -16.31
CA THR A 206 4.51 1.37 -15.27
C THR A 206 3.06 1.42 -14.86
N GLY A 207 2.43 2.60 -14.92
CA GLY A 207 1.14 2.79 -14.28
C GLY A 207 1.21 2.78 -12.77
N SER A 208 2.38 3.03 -12.20
CA SER A 208 2.65 2.88 -10.77
C SER A 208 3.29 4.16 -10.23
N ALA A 209 2.94 4.52 -8.99
CA ALA A 209 3.54 5.66 -8.32
C ALA A 209 4.45 5.24 -7.20
N VAL A 210 4.68 3.93 -7.04
CA VAL A 210 5.67 3.47 -6.09
C VAL A 210 7.03 4.00 -6.52
N GLY A 211 7.74 4.61 -5.59
CA GLY A 211 8.97 5.30 -5.90
C GLY A 211 8.80 6.77 -6.18
N CYS A 212 7.58 7.29 -6.21
CA CYS A 212 7.44 8.71 -6.46
C CYS A 212 7.75 9.54 -5.22
N ASN A 213 8.16 10.78 -5.46
CA ASN A 213 8.31 11.80 -4.44
C ASN A 213 7.23 12.86 -4.66
N PRO A 214 6.20 12.94 -3.81
CA PRO A 214 5.08 13.85 -4.09
C PRO A 214 5.50 15.29 -4.33
N ASP A 215 6.55 15.76 -3.62
CA ASP A 215 7.04 17.13 -3.76
C ASP A 215 7.33 17.50 -5.22
N THR A 216 7.87 16.56 -5.99
CA THR A 216 8.17 16.78 -7.42
C THR A 216 7.21 16.06 -8.35
N PHE A 217 6.71 14.88 -7.96
CA PHE A 217 5.84 14.10 -8.84
C PHE A 217 4.52 14.83 -9.08
N TRP A 218 4.06 15.64 -8.11
CA TRP A 218 2.74 16.27 -8.28
C TRP A 218 2.72 17.23 -9.46
N SER A 219 3.86 17.86 -9.79
CA SER A 219 3.89 18.83 -10.88
C SER A 219 3.78 18.14 -12.24
N LYS A 220 4.27 16.90 -12.32
CA LYS A 220 4.20 16.10 -13.54
C LYS A 220 2.80 15.54 -13.76
N LEU A 221 2.03 15.33 -12.69
CA LEU A 221 0.79 14.55 -12.82
C LEU A 221 -0.24 15.17 -13.77
N PRO A 222 -0.50 16.48 -13.77
CA PRO A 222 -1.47 17.02 -14.73
C PRO A 222 -1.02 16.89 -16.17
N ILE A 223 0.28 16.74 -16.40
CA ILE A 223 0.86 16.55 -17.72
C ILE A 223 0.77 15.08 -18.11
N LEU A 224 1.05 14.19 -17.17
CA LEU A 224 0.90 12.76 -17.40
C LEU A 224 -0.57 12.33 -17.51
N LEU A 225 -1.50 13.11 -16.97
CA LEU A 225 -2.92 12.72 -16.92
C LEU A 225 -3.79 13.79 -17.59
N PRO A 226 -3.60 14.00 -18.91
CA PRO A 226 -4.34 15.08 -19.57
C PRO A 226 -5.79 14.68 -19.74
N GLY A 227 -6.63 15.67 -19.99
CA GLY A 227 -8.04 15.39 -20.21
C GLY A 227 -8.86 15.32 -18.94
N SER A 228 -9.99 14.62 -19.00
CA SER A 228 -10.88 14.51 -17.85
C SER A 228 -10.43 13.40 -16.90
N LEU A 229 -10.45 13.71 -15.60
CA LEU A 229 -9.98 12.81 -14.57
C LEU A 229 -11.10 11.91 -14.08
N PHE A 230 -10.78 10.68 -13.76
CA PHE A 230 -11.68 9.89 -12.93
C PHE A 230 -10.89 9.21 -11.82
N ALA A 231 -11.59 8.97 -10.72
CA ALA A 231 -11.00 8.33 -9.55
C ALA A 231 -12.16 7.94 -8.66
N PHE A 232 -11.89 6.99 -7.79
CA PHE A 232 -12.88 6.45 -6.86
C PHE A 232 -12.09 5.71 -5.79
N ASP A 233 -12.77 5.35 -4.70
CA ASP A 233 -12.16 4.59 -3.61
C ASP A 233 -12.65 3.15 -3.65
N TYR A 234 -11.79 2.24 -3.19
CA TYR A 234 -12.13 0.84 -2.99
C TYR A 234 -12.39 0.61 -1.51
N SER A 235 -13.33 -0.26 -1.19
CA SER A 235 -13.44 -0.77 0.17
C SER A 235 -12.70 -2.10 0.23
N GLY A 236 -11.68 -2.16 1.10
CA GLY A 236 -10.91 -3.35 1.35
C GLY A 236 -10.48 -3.97 0.04
N TYR A 237 -9.72 -3.19 -0.74
CA TYR A 237 -9.32 -3.63 -2.06
C TYR A 237 -8.58 -4.97 -2.02
N ASP A 238 -7.50 -5.01 -1.22
CA ASP A 238 -6.61 -6.17 -1.18
C ASP A 238 -7.37 -7.45 -0.89
N ALA A 239 -8.22 -7.41 0.13
CA ALA A 239 -8.92 -8.61 0.54
C ALA A 239 -10.08 -8.94 -0.38
N SER A 240 -10.60 -7.96 -1.13
CA SER A 240 -11.68 -8.21 -2.06
C SER A 240 -11.25 -8.81 -3.39
N LEU A 241 -9.97 -9.06 -3.62
CA LEU A 241 -9.54 -9.49 -4.95
C LEU A 241 -9.90 -10.97 -5.16
N SER A 242 -10.74 -11.26 -6.17
CA SER A 242 -11.04 -12.64 -6.50
C SER A 242 -9.88 -13.28 -7.26
N PRO A 243 -9.85 -14.61 -7.37
CA PRO A 243 -8.75 -15.26 -8.10
C PRO A 243 -8.62 -14.83 -9.56
N VAL A 244 -9.68 -14.30 -10.19
CA VAL A 244 -9.54 -13.84 -11.57
C VAL A 244 -8.39 -12.83 -11.71
N TRP A 245 -8.17 -12.00 -10.69
CA TRP A 245 -7.16 -10.97 -10.84
C TRP A 245 -5.75 -11.52 -10.69
N PHE A 246 -5.57 -12.63 -9.99
CA PHE A 246 -4.28 -13.31 -9.99
C PHE A 246 -4.04 -14.12 -11.27
N ARG A 247 -5.08 -14.72 -11.85
CA ARG A 247 -4.96 -15.27 -13.20
C ARG A 247 -4.57 -14.17 -14.19
N ALA A 248 -5.27 -13.04 -14.13
CA ALA A 248 -4.95 -11.92 -15.02
C ALA A 248 -3.50 -11.50 -14.87
N LEU A 249 -2.99 -11.49 -13.65
CA LEU A 249 -1.59 -11.10 -13.47
C LEU A 249 -0.67 -12.12 -14.13
N GLU A 250 -1.04 -13.40 -14.09
CA GLU A 250 -0.22 -14.43 -14.72
C GLU A 250 -0.06 -14.15 -16.20
N LEU A 251 -1.13 -13.70 -16.86
CA LEU A 251 -1.03 -13.41 -18.29
C LEU A 251 -0.13 -12.20 -18.57
N VAL A 252 -0.18 -11.18 -17.71
CA VAL A 252 0.72 -10.03 -17.87
C VAL A 252 2.18 -10.49 -17.77
N LEU A 253 2.49 -11.28 -16.75
CA LEU A 253 3.87 -11.72 -16.55
C LEU A 253 4.36 -12.59 -17.71
N ARG A 254 3.52 -13.52 -18.17
CA ARG A 254 3.88 -14.37 -19.29
C ARG A 254 4.21 -13.55 -20.52
N GLU A 255 3.33 -12.62 -20.85
CA GLU A 255 3.48 -11.88 -22.10
C GLU A 255 4.74 -11.01 -22.09
N ILE A 256 5.18 -10.53 -20.91
CA ILE A 256 6.39 -9.70 -20.88
C ILE A 256 7.64 -10.54 -20.76
N GLY A 257 7.52 -11.86 -20.70
CA GLY A 257 8.67 -12.70 -20.93
C GLY A 257 9.03 -13.62 -19.79
N TYR A 258 8.17 -13.72 -18.79
CA TYR A 258 8.54 -14.50 -17.62
C TYR A 258 8.39 -15.97 -17.92
N SER A 259 9.34 -16.77 -17.46
CA SER A 259 9.32 -18.22 -17.59
C SER A 259 8.15 -18.81 -16.83
N GLU A 260 7.74 -20.01 -17.24
CA GLU A 260 6.60 -20.64 -16.60
C GLU A 260 6.87 -20.89 -15.12
N GLU A 261 8.11 -21.18 -14.75
CA GLU A 261 8.41 -21.37 -13.33
C GLU A 261 8.23 -20.06 -12.57
N ALA A 262 8.60 -18.95 -13.19
CA ALA A 262 8.39 -17.66 -12.55
C ALA A 262 6.91 -17.37 -12.35
N VAL A 263 6.12 -17.55 -13.42
CA VAL A 263 4.69 -17.30 -13.37
C VAL A 263 3.98 -18.20 -12.39
N SER A 264 4.54 -19.38 -12.10
CA SER A 264 3.89 -20.30 -11.17
C SER A 264 3.82 -19.76 -9.75
N LEU A 265 4.64 -18.77 -9.38
CA LEU A 265 4.61 -18.22 -8.03
C LEU A 265 3.31 -17.48 -7.72
N VAL A 266 2.56 -17.09 -8.75
CA VAL A 266 1.36 -16.30 -8.49
C VAL A 266 0.27 -17.12 -7.80
N GLU A 267 0.19 -18.43 -8.07
CA GLU A 267 -0.84 -19.23 -7.41
C GLU A 267 -0.59 -19.33 -5.91
N GLY A 268 0.68 -19.27 -5.49
CA GLY A 268 1.08 -19.15 -4.10
C GLY A 268 0.80 -17.80 -3.48
N ILE A 269 0.41 -16.81 -4.27
CA ILE A 269 -0.11 -15.56 -3.74
C ILE A 269 -1.62 -15.57 -3.66
N ASN A 270 -2.25 -16.19 -4.66
CA ASN A 270 -3.70 -16.28 -4.70
C ASN A 270 -4.24 -17.22 -3.64
N HIS A 271 -3.49 -18.26 -3.29
CA HIS A 271 -3.90 -19.30 -2.35
C HIS A 271 -2.84 -19.41 -1.26
N THR A 272 -3.14 -18.85 -0.09
CA THR A 272 -2.18 -18.70 0.99
C THR A 272 -2.74 -19.25 2.27
N HIS A 273 -1.85 -19.74 3.14
CA HIS A 273 -2.24 -20.20 4.46
C HIS A 273 -1.60 -19.28 5.49
N HIS A 274 -2.33 -19.05 6.57
CA HIS A 274 -2.00 -18.08 7.59
C HIS A 274 -2.22 -18.70 8.95
N VAL A 275 -1.39 -18.29 9.92
CA VAL A 275 -1.56 -18.65 11.32
C VAL A 275 -1.82 -17.38 12.11
N TYR A 276 -2.97 -17.32 12.79
CA TYR A 276 -3.30 -16.28 13.76
C TYR A 276 -3.50 -16.96 15.11
N ARG A 277 -2.64 -16.61 16.07
CA ARG A 277 -2.66 -17.22 17.41
C ARG A 277 -2.56 -18.74 17.33
N ASN A 278 -3.62 -19.45 17.72
CA ASN A 278 -3.60 -20.91 17.82
C ASN A 278 -4.29 -21.61 16.64
N LYS A 279 -4.46 -20.93 15.50
CA LYS A 279 -5.27 -21.48 14.43
C LYS A 279 -4.62 -21.22 13.09
N THR A 280 -4.80 -22.18 12.18
CA THR A 280 -4.41 -22.05 10.79
C THR A 280 -5.64 -21.79 9.95
N TYR A 281 -5.49 -20.98 8.89
CA TYR A 281 -6.62 -20.76 8.01
C TYR A 281 -6.13 -20.52 6.58
N CYS A 282 -6.98 -20.91 5.62
CA CYS A 282 -6.65 -20.86 4.21
C CYS A 282 -7.44 -19.70 3.59
N VAL A 283 -6.80 -18.93 2.73
CA VAL A 283 -7.43 -17.78 2.08
C VAL A 283 -7.25 -17.94 0.58
N LEU A 284 -8.36 -17.93 -0.15
CA LEU A 284 -8.39 -18.05 -1.60
C LEU A 284 -8.81 -16.70 -2.17
N GLY A 285 -7.96 -16.14 -3.04
CA GLY A 285 -8.08 -14.74 -3.39
C GLY A 285 -7.42 -13.89 -2.31
N GLY A 286 -7.53 -12.56 -2.49
CA GLY A 286 -6.94 -11.64 -1.51
C GLY A 286 -5.43 -11.54 -1.60
N MET A 287 -4.90 -10.30 -1.73
CA MET A 287 -3.45 -10.06 -1.69
C MET A 287 -2.95 -10.01 -0.24
N PRO A 288 -1.94 -10.80 0.13
CA PRO A 288 -1.37 -10.69 1.48
C PRO A 288 -0.67 -9.35 1.65
N SER A 289 -0.87 -8.74 2.83
CA SER A 289 -0.39 -7.38 3.06
C SER A 289 1.11 -7.30 3.32
N GLY A 290 1.72 -8.38 3.83
CA GLY A 290 3.11 -8.34 4.23
C GLY A 290 4.05 -9.11 3.33
N MET A 291 3.75 -9.09 2.04
CA MET A 291 4.49 -9.87 1.07
C MET A 291 5.46 -8.98 0.29
N SER A 292 6.59 -9.58 -0.12
CA SER A 292 7.44 -8.93 -1.10
C SER A 292 6.63 -8.61 -2.35
N GLY A 293 6.62 -7.34 -2.74
CA GLY A 293 5.93 -6.92 -3.95
C GLY A 293 4.45 -6.65 -3.78
N THR A 294 3.96 -6.60 -2.54
CA THR A 294 2.54 -6.30 -2.30
C THR A 294 2.15 -5.00 -2.97
N SER A 295 2.93 -3.93 -2.77
CA SER A 295 2.61 -2.65 -3.35
C SER A 295 2.60 -2.72 -4.89
N ILE A 296 3.61 -3.37 -5.46
CA ILE A 296 3.77 -3.36 -6.91
C ILE A 296 2.72 -4.24 -7.57
N PHE A 297 2.50 -5.44 -7.03
CA PHE A 297 1.51 -6.34 -7.60
C PHE A 297 0.10 -5.77 -7.46
N ASN A 298 -0.24 -5.23 -6.29
CA ASN A 298 -1.53 -4.53 -6.17
C ASN A 298 -1.68 -3.44 -7.23
N SER A 299 -0.59 -2.74 -7.53
CA SER A 299 -0.60 -1.65 -8.49
C SER A 299 -0.72 -2.19 -9.91
N MET A 300 -0.01 -3.28 -10.20
CA MET A 300 -0.11 -3.92 -11.51
C MET A 300 -1.52 -4.45 -11.76
N ILE A 301 -2.10 -5.11 -10.75
CA ILE A 301 -3.48 -5.61 -10.83
C ILE A 301 -4.45 -4.46 -11.00
N ASN A 302 -4.18 -3.31 -10.38
CA ASN A 302 -5.11 -2.19 -10.55
C ASN A 302 -5.15 -1.68 -11.99
N ASN A 303 -4.00 -1.72 -12.68
CA ASN A 303 -3.95 -1.37 -14.09
C ASN A 303 -4.78 -2.34 -14.94
N ILE A 304 -4.83 -3.61 -14.56
CA ILE A 304 -5.71 -4.53 -15.26
C ILE A 304 -7.16 -4.18 -14.99
N ILE A 305 -7.50 -3.98 -13.70
CA ILE A 305 -8.88 -3.70 -13.33
C ILE A 305 -9.43 -2.49 -14.07
N ILE A 306 -8.71 -1.37 -14.03
CA ILE A 306 -9.25 -0.15 -14.63
C ILE A 306 -9.50 -0.36 -16.11
N ARG A 307 -8.57 -1.02 -16.80
CA ARG A 307 -8.74 -1.24 -18.23
C ARG A 307 -9.95 -2.10 -18.52
N ALA A 308 -10.08 -3.23 -17.80
CA ALA A 308 -11.19 -4.14 -18.02
C ALA A 308 -12.52 -3.50 -17.64
N LEU A 309 -12.54 -2.71 -16.56
CA LEU A 309 -13.77 -2.00 -16.21
C LEU A 309 -14.18 -1.05 -17.32
N LEU A 310 -13.22 -0.36 -17.92
CA LEU A 310 -13.57 0.61 -18.96
C LEU A 310 -14.23 -0.08 -20.17
N ILE A 311 -13.60 -1.14 -20.69
CA ILE A 311 -14.09 -1.71 -21.94
C ILE A 311 -15.30 -2.61 -21.74
N LYS A 312 -15.56 -3.05 -20.51
CA LYS A 312 -16.80 -3.78 -20.25
C LYS A 312 -17.96 -2.84 -19.97
N THR A 313 -17.72 -1.69 -19.35
CA THR A 313 -18.80 -0.78 -19.00
C THR A 313 -19.26 0.08 -20.18
N PHE A 314 -18.35 0.55 -21.03
CA PHE A 314 -18.71 1.52 -22.06
C PHE A 314 -18.34 0.98 -23.44
N LYS A 315 -19.07 1.48 -24.45
CA LYS A 315 -18.78 1.16 -25.84
C LYS A 315 -17.78 2.16 -26.40
N GLY A 316 -16.85 1.65 -27.21
CA GLY A 316 -16.00 2.52 -28.01
C GLY A 316 -14.83 3.12 -27.27
N ILE A 317 -14.41 2.51 -26.16
CA ILE A 317 -13.27 3.01 -25.40
C ILE A 317 -11.98 2.61 -26.13
N ASP A 318 -11.09 3.59 -26.32
CA ASP A 318 -9.74 3.33 -26.80
C ASP A 318 -8.79 3.33 -25.60
N LEU A 319 -8.37 2.13 -25.17
CA LEU A 319 -7.48 1.98 -24.04
C LEU A 319 -6.16 2.72 -24.23
N ASP A 320 -5.77 3.00 -25.49
CA ASP A 320 -4.55 3.76 -25.72
C ASP A 320 -4.69 5.20 -25.27
N GLU A 321 -5.92 5.68 -25.08
CA GLU A 321 -6.10 7.02 -24.56
C GLU A 321 -6.27 7.05 -23.04
N LEU A 322 -6.18 5.91 -22.38
CA LEU A 322 -6.19 5.91 -20.93
C LEU A 322 -4.82 6.30 -20.41
N ASN A 323 -4.80 7.14 -19.38
CA ASN A 323 -3.59 7.40 -18.62
C ASN A 323 -3.93 7.18 -17.16
N MET A 324 -3.06 6.47 -16.43
CA MET A 324 -3.35 6.23 -15.03
C MET A 324 -2.06 5.96 -14.29
N VAL A 325 -2.08 6.24 -12.99
CA VAL A 325 -1.04 5.83 -12.05
C VAL A 325 -1.73 5.20 -10.85
N ALA A 326 -1.16 4.10 -10.35
CA ALA A 326 -1.71 3.42 -9.18
C ALA A 326 -0.63 3.30 -8.10
N TYR A 327 -1.03 3.39 -6.84
CA TYR A 327 -0.15 3.03 -5.72
C TYR A 327 -1.00 2.08 -4.90
N GLY A 328 -0.76 0.77 -5.11
CA GLY A 328 -1.71 -0.24 -4.67
C GLY A 328 -3.14 0.08 -5.07
N ASP A 329 -4.06 0.20 -4.11
CA ASP A 329 -5.47 0.41 -4.42
C ASP A 329 -5.80 1.86 -4.80
N ASP A 330 -4.88 2.78 -4.62
CA ASP A 330 -5.14 4.20 -4.88
C ASP A 330 -4.86 4.49 -6.35
N VAL A 331 -5.82 5.10 -7.03
CA VAL A 331 -5.75 5.29 -8.48
C VAL A 331 -6.13 6.73 -8.80
N LEU A 332 -5.40 7.32 -9.75
CA LEU A 332 -5.79 8.57 -10.38
C LEU A 332 -5.63 8.31 -11.87
N ALA A 333 -6.68 8.60 -12.66
CA ALA A 333 -6.66 8.28 -14.08
C ALA A 333 -7.33 9.36 -14.90
N SER A 334 -7.04 9.33 -16.21
CA SER A 334 -7.52 10.30 -17.17
C SER A 334 -7.87 9.63 -18.52
N TYR A 335 -8.85 10.22 -19.19
CA TYR A 335 -9.34 9.79 -20.49
C TYR A 335 -9.82 11.04 -21.22
N PRO A 336 -9.79 11.07 -22.58
CA PRO A 336 -10.17 12.31 -23.29
C PRO A 336 -11.61 12.74 -23.09
N PHE A 337 -12.51 11.84 -22.70
CA PHE A 337 -13.87 12.24 -22.39
C PHE A 337 -14.21 11.75 -20.99
N PRO A 338 -15.16 12.39 -20.32
CA PRO A 338 -15.48 11.98 -18.94
C PRO A 338 -15.91 10.52 -18.86
N ILE A 339 -15.59 9.92 -17.72
CA ILE A 339 -15.88 8.52 -17.44
C ILE A 339 -16.82 8.53 -16.23
N ASP A 340 -17.95 7.84 -16.36
CA ASP A 340 -18.96 7.81 -15.30
C ASP A 340 -18.62 6.68 -14.34
N CYS A 341 -18.14 7.02 -13.13
CA CYS A 341 -17.69 5.98 -12.21
C CYS A 341 -18.86 5.27 -11.53
N LEU A 342 -20.05 5.86 -11.54
CA LEU A 342 -21.23 5.12 -11.10
C LEU A 342 -21.43 3.88 -11.96
N GLU A 343 -21.17 3.99 -13.27
CA GLU A 343 -21.28 2.82 -14.12
C GLU A 343 -20.07 1.90 -13.96
N LEU A 344 -18.87 2.49 -13.77
CA LEU A 344 -17.69 1.67 -13.44
C LEU A 344 -17.92 0.85 -12.18
N ALA A 345 -18.52 1.46 -11.16
CA ALA A 345 -18.70 0.76 -9.90
C ALA A 345 -19.66 -0.42 -10.04
N ARG A 346 -20.64 -0.31 -10.93
CA ARG A 346 -21.59 -1.41 -11.08
C ARG A 346 -20.88 -2.61 -11.72
N THR A 347 -20.16 -2.37 -12.80
CA THR A 347 -19.27 -3.39 -13.37
C THR A 347 -18.27 -3.89 -12.33
N GLY A 348 -17.79 -3.02 -11.45
CA GLY A 348 -16.84 -3.44 -10.44
C GLY A 348 -17.42 -4.49 -9.51
N LYS A 349 -18.64 -4.27 -9.02
CA LYS A 349 -19.25 -5.23 -8.10
C LYS A 349 -19.33 -6.62 -8.74
N GLU A 350 -19.58 -6.68 -10.06
CA GLU A 350 -19.62 -7.99 -10.72
C GLU A 350 -18.28 -8.68 -10.65
N TYR A 351 -17.20 -7.91 -10.75
CA TYR A 351 -15.86 -8.44 -10.55
C TYR A 351 -15.47 -8.56 -9.07
N GLY A 352 -16.41 -8.37 -8.15
CA GLY A 352 -16.13 -8.53 -6.73
C GLY A 352 -15.45 -7.35 -6.06
N LEU A 353 -15.45 -6.18 -6.68
CA LEU A 353 -14.82 -4.99 -6.10
C LEU A 353 -15.91 -4.02 -5.66
N THR A 354 -15.70 -3.43 -4.50
CA THR A 354 -16.63 -2.43 -3.98
C THR A 354 -15.99 -1.05 -4.10
N MET A 355 -16.61 -0.19 -4.90
CA MET A 355 -16.04 1.11 -5.25
C MET A 355 -17.02 2.21 -4.87
N THR A 356 -16.52 3.26 -4.22
CA THR A 356 -17.35 4.33 -3.69
C THR A 356 -16.79 5.66 -4.16
N PRO A 357 -17.56 6.74 -4.06
CA PRO A 357 -17.12 8.01 -4.65
C PRO A 357 -15.82 8.52 -4.06
N ALA A 358 -15.08 9.30 -4.86
CA ALA A 358 -13.80 9.82 -4.41
C ALA A 358 -13.96 10.83 -3.28
N ASP A 359 -14.99 11.68 -3.33
CA ASP A 359 -15.19 12.74 -2.35
C ASP A 359 -15.77 12.26 -1.02
N LYS A 360 -15.89 10.94 -0.83
CA LYS A 360 -16.45 10.29 0.34
C LYS A 360 -17.93 10.59 0.55
N SER A 361 -18.59 11.27 -0.39
CA SER A 361 -20.04 11.47 -0.37
C SER A 361 -20.73 10.21 -0.89
N PRO A 362 -22.10 10.21 -1.01
CA PRO A 362 -22.76 9.03 -1.60
C PRO A 362 -22.85 9.07 -3.12
N CYS A 363 -22.70 10.26 -3.71
CA CYS A 363 -22.88 10.46 -5.13
C CYS A 363 -21.52 10.56 -5.81
N PHE A 364 -21.44 9.99 -7.03
CA PHE A 364 -20.20 9.99 -7.79
C PHE A 364 -20.08 11.33 -8.50
N ASN A 365 -19.64 12.33 -7.74
CA ASN A 365 -19.53 13.65 -8.33
C ASN A 365 -18.20 13.80 -9.10
N GLU A 366 -18.11 14.90 -9.84
CA GLU A 366 -17.01 15.09 -10.77
C GLU A 366 -15.67 15.22 -10.06
N VAL A 367 -14.66 14.53 -10.60
CA VAL A 367 -13.28 14.66 -10.17
C VAL A 367 -12.56 15.60 -11.12
N ASN A 368 -11.93 16.63 -10.58
CA ASN A 368 -11.10 17.55 -11.35
C ASN A 368 -9.90 17.88 -10.47
N TRP A 369 -9.00 18.72 -10.98
CA TRP A 369 -7.74 18.97 -10.27
C TRP A 369 -7.93 19.77 -8.98
N ASP A 370 -9.05 20.47 -8.83
CA ASP A 370 -9.30 21.23 -7.62
C ASP A 370 -9.78 20.35 -6.48
N ASN A 371 -10.23 19.13 -6.74
CA ASN A 371 -10.64 18.26 -5.65
C ASN A 371 -10.04 16.86 -5.71
N ALA A 372 -9.23 16.55 -6.71
CA ALA A 372 -8.56 15.26 -6.73
C ALA A 372 -7.65 15.09 -5.51
N THR A 373 -7.57 13.86 -5.01
CA THR A 373 -6.63 13.48 -3.97
C THR A 373 -5.88 12.25 -4.43
N PHE A 374 -4.62 12.16 -4.07
CA PHE A 374 -3.81 10.98 -4.34
C PHE A 374 -2.88 10.81 -3.15
N LEU A 375 -2.69 9.58 -2.70
CA LEU A 375 -1.97 9.37 -1.45
C LEU A 375 -2.42 10.37 -0.38
N LYS A 376 -3.73 10.62 -0.30
CA LYS A 376 -4.39 11.52 0.65
C LYS A 376 -4.14 13.01 0.39
N ARG A 377 -3.33 13.38 -0.60
CA ARG A 377 -2.96 14.78 -0.81
C ARG A 377 -3.71 15.38 -2.00
N GLY A 378 -4.13 16.63 -1.85
CA GLY A 378 -4.70 17.39 -2.94
C GLY A 378 -3.64 17.95 -3.88
N PHE A 379 -4.11 18.69 -4.88
CA PHE A 379 -3.29 19.33 -5.90
C PHE A 379 -3.59 20.81 -5.87
N LEU A 380 -2.59 21.64 -5.57
CA LEU A 380 -2.79 23.07 -5.41
C LEU A 380 -1.74 23.84 -6.20
N PRO A 381 -2.09 24.49 -7.31
CA PRO A 381 -1.09 25.25 -8.06
C PRO A 381 -0.46 26.31 -7.18
N ASP A 382 0.86 26.45 -7.33
CA ASP A 382 1.57 27.53 -6.66
C ASP A 382 1.05 28.89 -7.14
N GLU A 383 0.95 29.85 -6.21
CA GLU A 383 0.43 31.16 -6.59
C GLU A 383 1.40 31.90 -7.52
N GLN A 384 2.71 31.74 -7.32
CA GLN A 384 3.69 32.45 -8.15
C GLN A 384 4.03 31.70 -9.45
N PHE A 385 4.23 30.39 -9.39
CA PHE A 385 4.58 29.58 -10.56
C PHE A 385 3.50 28.54 -10.79
N PRO A 386 2.42 28.89 -11.51
CA PRO A 386 1.25 28.00 -11.61
C PRO A 386 1.50 26.65 -12.25
N PHE A 387 2.68 26.41 -12.83
CA PHE A 387 2.95 25.08 -13.38
C PHE A 387 3.56 24.13 -12.35
N LEU A 388 4.02 24.65 -11.20
CA LEU A 388 4.45 23.83 -10.07
C LEU A 388 3.27 23.59 -9.13
N ILE A 389 3.04 22.32 -8.80
CA ILE A 389 1.84 21.90 -8.10
C ILE A 389 2.21 21.43 -6.70
N HIS A 390 1.57 22.02 -5.69
CA HIS A 390 1.75 21.61 -4.29
C HIS A 390 0.90 20.39 -3.98
N PRO A 391 1.46 19.33 -3.41
CA PRO A 391 0.62 18.29 -2.77
C PRO A 391 0.17 18.77 -1.39
N THR A 392 -1.14 18.74 -1.15
CA THR A 392 -1.69 19.30 0.08
C THR A 392 -2.24 18.19 0.97
N MET A 393 -1.45 17.76 1.93
CA MET A 393 -1.99 16.94 3.00
C MET A 393 -2.98 17.79 3.80
N PRO A 394 -4.20 17.32 4.02
CA PRO A 394 -5.15 18.10 4.82
C PRO A 394 -4.61 18.34 6.22
N MET A 395 -4.85 19.55 6.73
CA MET A 395 -4.44 19.85 8.09
C MET A 395 -5.14 18.96 9.10
N LYS A 396 -6.29 18.38 8.73
CA LYS A 396 -6.98 17.45 9.63
C LYS A 396 -6.16 16.20 9.86
N GLU A 397 -5.53 15.67 8.80
CA GLU A 397 -4.69 14.48 8.96
C GLU A 397 -3.45 14.78 9.79
N ILE A 398 -2.86 15.97 9.58
CA ILE A 398 -1.66 16.36 10.31
C ILE A 398 -2.00 16.55 11.78
N HIS A 399 -3.15 17.16 12.05
CA HIS A 399 -3.63 17.28 13.42
C HIS A 399 -3.78 15.91 14.07
N GLU A 400 -4.32 14.93 13.34
CA GLU A 400 -4.51 13.61 13.93
C GLU A 400 -3.16 12.98 14.28
N SER A 401 -2.20 13.10 13.38
CA SER A 401 -0.93 12.43 13.62
C SER A 401 -0.21 13.01 14.84
N ILE A 402 -0.23 14.35 15.00
CA ILE A 402 0.62 15.03 15.98
C ILE A 402 0.15 14.77 17.41
N ARG A 403 -1.12 14.42 17.60
CA ARG A 403 -1.74 14.22 18.90
C ARG A 403 -1.29 12.95 19.60
N TRP A 404 -0.42 12.14 18.99
CA TRP A 404 -0.05 10.85 19.55
C TRP A 404 1.40 10.58 19.22
N THR A 405 1.98 9.65 19.97
CA THR A 405 3.36 9.24 19.73
C THR A 405 3.58 7.80 20.21
N LYS A 406 4.48 7.10 19.54
CA LYS A 406 4.95 5.79 19.97
C LYS A 406 6.27 5.87 20.72
N ASP A 407 6.93 7.02 20.70
CA ASP A 407 8.21 7.21 21.37
C ASP A 407 8.45 8.73 21.40
N ALA A 408 8.18 9.34 22.56
CA ALA A 408 8.28 10.80 22.64
C ALA A 408 9.71 11.30 22.47
N ARG A 409 10.71 10.40 22.48
CA ARG A 409 12.09 10.81 22.23
C ARG A 409 12.25 11.41 20.85
N ASN A 410 11.43 11.01 19.90
CA ASN A 410 11.58 11.49 18.53
C ASN A 410 10.52 12.54 18.19
N THR A 411 10.05 13.27 19.19
CA THR A 411 9.09 14.35 18.97
C THR A 411 9.56 15.33 17.91
N GLN A 412 10.82 15.74 17.98
CA GLN A 412 11.31 16.74 17.05
C GLN A 412 11.19 16.28 15.60
N ASP A 413 11.66 15.05 15.31
CA ASP A 413 11.57 14.56 13.92
C ASP A 413 10.12 14.44 13.49
N HIS A 414 9.29 13.93 14.38
CA HIS A 414 7.86 13.80 14.11
C HIS A 414 7.26 15.13 13.70
N VAL A 415 7.53 16.16 14.50
CA VAL A 415 7.00 17.49 14.18
C VAL A 415 7.62 18.03 12.89
N ARG A 416 8.93 17.82 12.67
CA ARG A 416 9.55 18.32 11.46
C ARG A 416 8.88 17.71 10.21
N SER A 417 8.65 16.39 10.22
CA SER A 417 7.97 15.75 9.10
C SER A 417 6.60 16.36 8.85
N LEU A 418 5.84 16.61 9.92
CA LEU A 418 4.53 17.22 9.72
C LEU A 418 4.65 18.64 9.17
N CYS A 419 5.72 19.37 9.52
CA CYS A 419 5.91 20.70 8.93
C CYS A 419 6.30 20.61 7.45
N LEU A 420 7.04 19.57 7.05
CA LEU A 420 7.34 19.40 5.62
C LEU A 420 6.10 19.09 4.81
N LEU A 421 5.05 18.55 5.44
CA LEU A 421 3.76 18.30 4.82
C LEU A 421 2.86 19.52 4.87
N ALA A 422 2.90 20.27 5.97
CA ALA A 422 1.87 21.27 6.25
C ALA A 422 2.05 22.54 5.44
N TRP A 423 3.29 22.95 5.17
CA TRP A 423 3.52 24.27 4.59
C TRP A 423 2.97 24.38 3.17
N HIS A 424 2.72 23.24 2.50
CA HIS A 424 2.13 23.28 1.18
C HIS A 424 0.73 23.84 1.20
N ASN A 425 0.06 23.86 2.37
CA ASN A 425 -1.25 24.47 2.44
C ASN A 425 -1.19 25.98 2.54
N GLY A 426 -0.01 26.59 2.49
CA GLY A 426 0.11 28.02 2.45
C GLY A 426 0.57 28.63 3.77
N LYS A 427 1.05 29.87 3.68
CA LYS A 427 1.62 30.59 4.80
C LYS A 427 0.65 30.77 5.96
N GLN A 428 -0.59 31.14 5.66
CA GLN A 428 -1.56 31.37 6.74
C GLN A 428 -1.78 30.13 7.58
N GLU A 429 -2.06 28.99 6.93
CA GLU A 429 -2.27 27.76 7.68
C GLU A 429 -1.00 27.32 8.42
N TYR A 430 0.17 27.54 7.82
CA TYR A 430 1.40 27.03 8.40
C TYR A 430 1.79 27.79 9.66
N GLU A 431 1.67 29.12 9.63
CA GLU A 431 1.97 29.92 10.82
C GLU A 431 0.98 29.62 11.95
N LYS A 432 -0.27 29.30 11.60
CA LYS A 432 -1.27 28.93 12.59
C LYS A 432 -0.98 27.56 13.18
N PHE A 433 -0.44 26.66 12.35
CA PHE A 433 0.06 25.38 12.83
C PHE A 433 1.26 25.58 13.77
N VAL A 434 2.22 26.39 13.35
CA VAL A 434 3.42 26.62 14.15
C VAL A 434 3.07 27.30 15.47
N SER A 435 2.18 28.29 15.43
CA SER A 435 1.78 28.96 16.67
C SER A 435 1.13 27.97 17.63
N ALA A 436 0.25 27.11 17.11
CA ALA A 436 -0.35 26.11 17.96
C ALA A 436 0.71 25.20 18.56
N ILE A 437 1.73 24.84 17.78
CA ILE A 437 2.82 24.04 18.33
C ILE A 437 3.53 24.81 19.44
N ARG A 438 3.91 26.08 19.17
CA ARG A 438 4.64 26.88 20.16
CA ARG A 438 4.66 26.82 20.19
C ARG A 438 3.82 27.16 21.42
N SER A 439 2.54 26.78 21.46
CA SER A 439 1.73 27.12 22.61
C SER A 439 1.92 26.20 23.82
N VAL A 440 2.77 25.18 23.75
CA VAL A 440 3.04 24.32 24.89
C VAL A 440 4.55 24.27 25.13
N PRO A 441 4.98 23.99 26.36
CA PRO A 441 6.43 24.04 26.66
C PRO A 441 7.31 23.28 25.68
N VAL A 442 7.03 21.99 25.42
CA VAL A 442 7.89 21.26 24.49
C VAL A 442 7.90 21.92 23.11
N GLY A 443 6.80 22.56 22.73
CA GLY A 443 6.74 23.21 21.43
C GLY A 443 7.78 24.30 21.28
N LYS A 444 8.06 25.03 22.37
CA LYS A 444 9.07 26.10 22.32
C LYS A 444 10.48 25.56 22.26
N ALA A 445 10.65 24.26 22.44
CA ALA A 445 11.98 23.63 22.43
C ALA A 445 12.30 22.93 21.12
N LEU A 446 11.44 23.00 20.12
CA LEU A 446 11.65 22.30 18.85
C LEU A 446 12.20 23.24 17.79
N ALA A 447 13.14 22.72 17.00
CA ALA A 447 13.64 23.39 15.80
C ALA A 447 12.61 23.17 14.70
N ILE A 448 11.83 24.20 14.43
CA ILE A 448 10.75 24.15 13.45
C ILE A 448 11.19 24.87 12.22
N PRO A 449 11.07 24.30 11.01
CA PRO A 449 11.57 24.97 9.81
C PRO A 449 10.75 26.22 9.52
N ASN A 450 11.47 27.26 9.13
CA ASN A 450 10.85 28.50 8.72
C ASN A 450 10.20 28.36 7.33
N TYR A 451 9.00 28.95 7.18
CA TYR A 451 8.20 28.76 5.97
C TYR A 451 8.95 29.14 4.70
N GLU A 452 9.63 30.28 4.73
CA GLU A 452 10.36 30.77 3.56
C GLU A 452 11.46 29.80 3.17
N ASN A 453 12.09 29.16 4.15
CA ASN A 453 13.11 28.17 3.86
C ASN A 453 12.52 26.93 3.22
N LEU A 454 11.35 26.49 3.69
CA LEU A 454 10.70 25.34 3.07
C LEU A 454 10.37 25.64 1.61
N ARG A 455 9.81 26.81 1.35
CA ARG A 455 9.45 27.20 -0.01
C ARG A 455 10.68 27.30 -0.91
N ARG A 456 11.76 27.89 -0.40
CA ARG A 456 13.01 27.98 -1.16
C ARG A 456 13.54 26.60 -1.52
N ASN A 457 13.61 25.69 -0.55
CA ASN A 457 14.14 24.37 -0.83
C ASN A 457 13.29 23.64 -1.87
N TRP A 458 11.97 23.83 -1.82
CA TRP A 458 11.09 23.17 -2.76
C TRP A 458 11.29 23.72 -4.16
N LEU A 459 11.29 25.05 -4.30
CA LEU A 459 11.57 25.64 -5.60
C LEU A 459 12.87 25.11 -6.18
N GLU A 460 13.90 24.96 -5.34
CA GLU A 460 15.22 24.50 -5.82
C GLU A 460 15.19 23.08 -6.36
N LEU A 461 14.18 22.27 -5.99
CA LEU A 461 14.05 20.92 -6.56
C LEU A 461 13.85 20.96 -8.06
N PHE A 462 13.22 22.02 -8.57
CA PHE A 462 13.00 22.19 -10.00
C PHE A 462 14.07 23.05 -10.64
N HIS A 463 15.05 23.51 -9.84
CA HIS A 463 16.13 24.48 -10.14
C HIS A 463 15.54 25.88 -10.26
S SO4 D . 9.52 11.69 -9.30
O1 SO4 D . 10.93 11.54 -8.98
O2 SO4 D . 9.11 13.08 -9.37
O3 SO4 D . 8.75 11.01 -8.28
O4 SO4 D . 9.32 11.06 -10.58
ZN ZN E . -5.40 -23.80 1.29
#